data_9J04
#
_entry.id   9J04
#
_cell.length_a   1.00
_cell.length_b   1.00
_cell.length_c   1.00
_cell.angle_alpha   90.00
_cell.angle_beta   90.00
_cell.angle_gamma   90.00
#
_symmetry.space_group_name_H-M   'P 1'
#
loop_
_entity.id
_entity.type
_entity.pdbx_description
1 polymer 'Solute carrier family 22 member 6'
2 non-polymer '({[(2S)-1-(4-amino-2-oxopyrimidin-1(2H)-yl)-3-hydroxypropan-2-yl]oxy}methyl)phosphonic acid'
#
_entity_poly.entity_id   1
_entity_poly.type   'polypeptide(L)'
_entity_poly.pdbx_seq_one_letter_code
;MAFNDLLQQVGGVGRFQQIQVTLVVLPLLLMASHNTLQNFTAAIPTHHCRPPADANLSKNGGLEVWLPRDRQGQPESCLR
FTSPQWGLPFLNGTEANGTGATEPCTDGWIYDNSTFPSTIVTEWDLVCSHRALRQLAQSLYMVGVLLGAMVFGYLADRLG
RRKVLILNYLQTAVSGTCAAFAPNFPIYCAFRLLSGMALAGISLNCMTLNVEWMPIHTRACVGTLIGYVYSLGQFLLAGV
AYAVPHWRHLQLLVSAPFFAFFIYSWFFIESARWHSSSGRLDLTLRALQRVARINGKREEGAKLSMEVLRASLQKELTMG
KGQASAMELLRCPTLRHLFLCLSMLWFATSFAYYGLVMDLQGFGVSIYLIQVIFGAVDLPAKLVGFLVINSLGRRPAQMA
ALLLAGICILLNGVIPQDQSIVRTSLAVLGKGCLAASFNCIFLYTGELYPTMIRQTGMGMGSTMARVGSIVSPLVSMTAE
LYPSMPLFIYGAVPVAASAVTVLLPETLGQPLPDTVQDLESRWAPTQKEAGIYPRKGKQTRQQQEHQKYMVPLQASAQEK
NGL
;
_entity_poly.pdbx_strand_id   A
#
loop_
_chem_comp.id
_chem_comp.type
_chem_comp.name
_chem_comp.formula
L8P non-polymer '({[(2S)-1-(4-amino-2-oxopyrimidin-1(2H)-yl)-3-hydroxypropan-2-yl]oxy}methyl)phosphonic acid' 'C8 H14 N3 O6 P'
#
# COMPACT_ATOMS: atom_id res chain seq x y z
N ALA A 2 24.24 -19.43 15.02
CA ALA A 2 24.59 -20.34 13.95
C ALA A 2 23.34 -21.03 13.40
N PHE A 3 22.19 -20.35 13.54
CA PHE A 3 20.94 -20.92 13.08
C PHE A 3 20.93 -21.11 11.56
N ASN A 4 21.63 -20.23 10.83
CA ASN A 4 21.70 -20.38 9.38
C ASN A 4 22.40 -21.68 9.00
N ASP A 5 23.40 -22.08 9.80
CA ASP A 5 24.06 -23.36 9.54
C ASP A 5 23.10 -24.52 9.73
N LEU A 6 22.22 -24.43 10.73
CA LEU A 6 21.20 -25.46 10.92
C LEU A 6 20.25 -25.50 9.74
N LEU A 7 19.78 -24.33 9.30
CA LEU A 7 18.89 -24.28 8.15
C LEU A 7 19.55 -24.86 6.91
N GLN A 8 20.85 -24.63 6.75
CA GLN A 8 21.57 -25.24 5.64
C GLN A 8 21.70 -26.75 5.81
N GLN A 9 21.79 -27.21 7.06
CA GLN A 9 21.91 -28.65 7.29
C GLN A 9 20.61 -29.38 6.96
N VAL A 10 19.46 -28.80 7.33
CA VAL A 10 18.18 -29.44 7.06
C VAL A 10 17.89 -29.48 5.57
N GLY A 11 18.52 -28.63 4.77
CA GLY A 11 18.31 -28.67 3.33
C GLY A 11 18.31 -27.30 2.67
N GLY A 12 18.32 -26.24 3.48
CA GLY A 12 18.32 -24.90 2.95
C GLY A 12 17.04 -24.53 2.23
N VAL A 13 17.10 -24.44 0.91
CA VAL A 13 15.94 -24.10 0.08
C VAL A 13 15.45 -25.41 -0.53
N GLY A 14 14.44 -26.00 0.10
CA GLY A 14 13.89 -27.26 -0.37
C GLY A 14 12.44 -27.16 -0.80
N ARG A 15 11.78 -28.30 -0.99
CA ARG A 15 10.40 -28.30 -1.43
C ARG A 15 9.49 -27.61 -0.41
N PHE A 16 9.82 -27.74 0.88
CA PHE A 16 9.02 -27.08 1.91
C PHE A 16 8.98 -25.57 1.68
N GLN A 17 10.13 -24.97 1.42
CA GLN A 17 10.17 -23.55 1.09
C GLN A 17 9.47 -23.28 -0.23
N GLN A 18 9.82 -24.04 -1.27
CA GLN A 18 9.23 -23.84 -2.59
C GLN A 18 7.72 -24.04 -2.61
N ILE A 19 7.13 -24.49 -1.50
CA ILE A 19 5.68 -24.57 -1.37
C ILE A 19 5.14 -23.48 -0.47
N GLN A 20 5.67 -23.36 0.76
CA GLN A 20 5.11 -22.42 1.71
C GLN A 20 5.33 -20.98 1.27
N VAL A 21 6.49 -20.67 0.68
CA VAL A 21 6.76 -19.30 0.27
C VAL A 21 5.74 -18.84 -0.77
N THR A 22 5.47 -19.68 -1.77
CA THR A 22 4.51 -19.29 -2.80
C THR A 22 3.09 -19.28 -2.25
N LEU A 23 2.74 -20.22 -1.37
CA LEU A 23 1.40 -20.20 -0.81
C LEU A 23 1.17 -19.02 0.12
N VAL A 24 2.23 -18.43 0.67
CA VAL A 24 2.06 -17.25 1.51
C VAL A 24 2.13 -15.97 0.69
N VAL A 25 2.86 -15.97 -0.44
CA VAL A 25 2.99 -14.76 -1.24
C VAL A 25 1.91 -14.64 -2.31
N LEU A 26 1.12 -15.71 -2.53
CA LEU A 26 0.02 -15.63 -3.48
C LEU A 26 -1.11 -14.69 -3.05
N PRO A 27 -1.44 -14.58 -1.75
CA PRO A 27 -2.57 -13.69 -1.37
C PRO A 27 -2.24 -12.21 -1.41
N LEU A 28 -1.15 -11.82 -2.06
CA LEU A 28 -0.86 -10.41 -2.28
C LEU A 28 -1.15 -9.97 -3.71
N LEU A 29 -1.80 -10.82 -4.51
CA LEU A 29 -2.34 -10.36 -5.78
C LEU A 29 -3.59 -9.52 -5.61
N LEU A 30 -4.14 -9.45 -4.39
CA LEU A 30 -5.41 -8.78 -4.15
C LEU A 30 -5.28 -7.50 -3.33
N MET A 31 -4.09 -7.20 -2.80
CA MET A 31 -3.97 -6.00 -1.99
C MET A 31 -3.99 -4.75 -2.86
N ALA A 32 -3.43 -4.82 -4.07
CA ALA A 32 -3.55 -3.71 -5.01
C ALA A 32 -5.01 -3.45 -5.36
N SER A 33 -5.80 -4.52 -5.52
CA SER A 33 -7.22 -4.35 -5.79
C SER A 33 -7.94 -3.74 -4.60
N HIS A 34 -7.61 -4.21 -3.39
CA HIS A 34 -8.30 -3.72 -2.20
C HIS A 34 -7.85 -2.32 -1.78
N ASN A 35 -6.76 -1.81 -2.33
CA ASN A 35 -6.31 -0.46 -1.98
C ASN A 35 -6.92 0.59 -2.90
N THR A 36 -6.73 0.45 -4.21
CA THR A 36 -7.26 1.38 -5.19
C THR A 36 -8.59 0.89 -5.77
N LEU A 37 -9.58 0.67 -4.91
CA LEU A 37 -10.89 0.23 -5.39
C LEU A 37 -11.85 1.40 -5.58
N GLN A 38 -11.61 2.51 -4.90
CA GLN A 38 -12.47 3.68 -5.01
C GLN A 38 -12.17 4.43 -6.29
N ASN A 39 -12.06 3.70 -7.39
CA ASN A 39 -11.92 4.28 -8.73
C ASN A 39 -12.93 3.59 -9.61
N PHE A 40 -13.20 2.33 -9.31
CA PHE A 40 -14.18 1.53 -10.01
C PHE A 40 -15.44 1.26 -9.20
N THR A 41 -15.38 1.37 -7.87
CA THR A 41 -16.56 1.17 -7.06
C THR A 41 -17.17 2.47 -6.58
N ALA A 42 -16.55 3.62 -6.86
CA ALA A 42 -17.08 4.90 -6.41
C ALA A 42 -16.94 5.99 -7.48
N ALA A 43 -17.01 5.60 -8.75
CA ALA A 43 -16.92 6.58 -9.82
C ALA A 43 -18.09 7.56 -9.76
N ILE A 44 -17.92 8.70 -10.42
CA ILE A 44 -18.95 9.74 -10.45
C ILE A 44 -19.44 9.94 -11.87
N PRO A 45 -20.65 9.52 -12.20
CA PRO A 45 -21.17 9.72 -13.55
C PRO A 45 -21.78 11.11 -13.71
N THR A 46 -22.03 11.47 -14.98
CA THR A 46 -22.65 12.76 -15.28
C THR A 46 -24.11 12.74 -14.84
N HIS A 47 -24.52 13.78 -14.13
CA HIS A 47 -25.86 13.83 -13.55
C HIS A 47 -26.43 15.22 -13.66
N HIS A 48 -27.77 15.29 -13.63
CA HIS A 48 -28.47 16.56 -13.61
C HIS A 48 -29.74 16.39 -12.79
N CYS A 49 -30.33 17.52 -12.40
CA CYS A 49 -31.49 17.49 -11.51
C CYS A 49 -32.67 16.80 -12.19
N ARG A 50 -33.64 16.42 -11.36
CA ARG A 50 -34.82 15.69 -11.85
C ARG A 50 -35.96 16.67 -12.06
N PRO A 51 -36.49 16.79 -13.27
CA PRO A 51 -37.61 17.70 -13.50
C PRO A 51 -38.89 17.14 -12.93
N PRO A 52 -39.76 17.97 -12.36
CA PRO A 52 -41.03 17.48 -11.82
C PRO A 52 -41.93 16.99 -12.95
N ALA A 53 -42.61 15.87 -12.68
CA ALA A 53 -43.45 15.22 -13.69
C ALA A 53 -44.76 16.01 -13.86
N ASP A 54 -44.61 17.22 -14.39
CA ASP A 54 -45.74 18.10 -14.67
C ASP A 54 -45.79 18.50 -16.14
N ALA A 55 -45.12 17.76 -17.01
CA ALA A 55 -45.09 18.07 -18.44
C ALA A 55 -46.40 17.65 -19.11
N GLU A 64 -37.62 19.28 -20.98
CA GLU A 64 -36.27 19.41 -21.52
C GLU A 64 -35.65 20.74 -21.14
N VAL A 65 -36.37 21.82 -21.43
CA VAL A 65 -35.89 23.18 -21.10
C VAL A 65 -36.36 23.46 -19.67
N TRP A 66 -35.62 22.91 -18.72
CA TRP A 66 -35.92 23.09 -17.31
C TRP A 66 -34.67 23.30 -16.46
N LEU A 67 -33.49 23.36 -17.07
CA LEU A 67 -32.23 23.40 -16.35
C LEU A 67 -31.43 24.62 -16.77
N PRO A 68 -30.94 25.43 -15.83
CA PRO A 68 -30.12 26.60 -16.19
C PRO A 68 -28.76 26.21 -16.72
N ARG A 69 -28.72 25.66 -17.93
CA ARG A 69 -27.46 25.20 -18.51
C ARG A 69 -26.52 26.36 -18.78
N ASP A 70 -25.23 26.11 -18.60
CA ASP A 70 -24.19 27.09 -18.91
C ASP A 70 -22.91 26.33 -19.22
N ARG A 71 -21.84 27.09 -19.51
CA ARG A 71 -20.51 26.55 -19.78
C ARG A 71 -20.55 25.54 -20.93
N GLN A 72 -20.82 26.08 -22.12
CA GLN A 72 -20.92 25.35 -23.37
C GLN A 72 -22.18 24.51 -23.46
N GLY A 73 -23.23 24.87 -22.72
CA GLY A 73 -24.51 24.23 -22.85
C GLY A 73 -24.75 23.07 -21.92
N GLN A 74 -23.74 22.60 -21.21
CA GLN A 74 -23.91 21.47 -20.31
C GLN A 74 -24.85 21.85 -19.17
N PRO A 75 -25.86 21.03 -18.88
CA PRO A 75 -26.83 21.41 -17.85
C PRO A 75 -26.21 21.57 -16.48
N GLU A 76 -26.77 22.47 -15.69
CA GLU A 76 -26.36 22.66 -14.31
C GLU A 76 -26.69 21.42 -13.48
N SER A 77 -26.04 21.31 -12.33
CA SER A 77 -26.22 20.16 -11.45
C SER A 77 -26.71 20.56 -10.06
N CYS A 78 -27.17 21.80 -9.89
CA CYS A 78 -27.67 22.23 -8.59
C CYS A 78 -28.98 23.03 -8.63
N LEU A 79 -29.39 23.57 -9.78
CA LEU A 79 -30.57 24.41 -9.85
C LEU A 79 -31.56 23.84 -10.85
N ARG A 80 -32.83 24.26 -10.73
CA ARG A 80 -33.87 23.62 -11.52
C ARG A 80 -34.96 24.57 -12.02
N PHE A 81 -34.69 25.88 -12.11
CA PHE A 81 -35.67 26.84 -12.66
C PHE A 81 -36.99 26.80 -11.87
N THR A 82 -36.91 27.36 -10.65
CA THR A 82 -38.03 27.39 -9.71
C THR A 82 -39.38 27.54 -10.39
N SER A 83 -39.51 28.53 -11.27
CA SER A 83 -40.71 28.70 -12.07
C SER A 83 -40.36 28.62 -13.56
N PRO A 84 -41.24 28.02 -14.38
CA PRO A 84 -41.02 27.89 -15.82
C PRO A 84 -40.79 29.24 -16.51
N THR A 102 -33.48 28.14 -10.01
CA THR A 102 -32.66 28.73 -8.97
C THR A 102 -33.02 28.17 -7.60
N GLU A 103 -33.37 26.88 -7.57
CA GLU A 103 -33.76 26.20 -6.34
C GLU A 103 -32.91 24.96 -6.15
N PRO A 104 -32.52 24.65 -4.91
CA PRO A 104 -31.92 23.34 -4.64
C PRO A 104 -32.83 22.22 -5.10
N CYS A 105 -32.23 21.09 -5.46
CA CYS A 105 -32.97 20.01 -6.10
C CYS A 105 -34.08 19.47 -5.22
N THR A 106 -33.71 18.85 -4.09
CA THR A 106 -34.65 18.28 -3.14
C THR A 106 -35.63 17.29 -3.79
N ASP A 107 -35.27 16.75 -4.96
CA ASP A 107 -36.12 15.79 -5.64
C ASP A 107 -35.33 14.66 -6.27
N GLY A 108 -34.12 14.39 -5.80
CA GLY A 108 -33.29 13.35 -6.37
C GLY A 108 -32.73 13.72 -7.73
N TRP A 109 -31.70 13.01 -8.17
CA TRP A 109 -31.02 13.30 -9.43
C TRP A 109 -31.32 12.20 -10.44
N ILE A 110 -30.90 12.44 -11.67
CA ILE A 110 -31.09 11.50 -12.77
C ILE A 110 -29.71 11.20 -13.34
N TYR A 111 -29.07 10.15 -12.85
CA TYR A 111 -27.73 9.80 -13.29
C TYR A 111 -27.76 9.11 -14.64
N ASP A 112 -26.64 9.18 -15.35
CA ASP A 112 -26.49 8.47 -16.61
C ASP A 112 -26.12 7.01 -16.34
N ASN A 113 -26.42 6.15 -17.31
CA ASN A 113 -26.18 4.72 -17.17
C ASN A 113 -25.58 4.14 -18.44
N SER A 114 -24.71 4.90 -19.10
CA SER A 114 -24.07 4.42 -20.32
C SER A 114 -22.74 3.73 -20.06
N THR A 115 -21.99 4.17 -19.05
CA THR A 115 -20.67 3.60 -18.78
C THR A 115 -20.56 3.11 -17.34
N PHE A 116 -21.20 3.79 -16.41
CA PHE A 116 -21.21 3.40 -15.00
C PHE A 116 -22.65 3.05 -14.62
N PRO A 117 -23.06 1.79 -14.78
CA PRO A 117 -24.45 1.44 -14.47
C PRO A 117 -24.81 1.58 -13.01
N SER A 118 -23.85 1.43 -12.09
CA SER A 118 -24.14 1.61 -10.67
C SER A 118 -22.85 1.74 -9.86
N THR A 119 -22.81 2.72 -8.96
CA THR A 119 -21.67 2.91 -8.07
C THR A 119 -22.20 3.27 -6.69
N ILE A 120 -21.29 3.67 -5.81
CA ILE A 120 -21.69 4.12 -4.48
C ILE A 120 -22.47 5.41 -4.56
N VAL A 121 -22.01 6.35 -5.39
CA VAL A 121 -22.61 7.68 -5.42
C VAL A 121 -24.03 7.61 -5.98
N THR A 122 -24.31 6.61 -6.82
CA THR A 122 -25.68 6.41 -7.28
C THR A 122 -26.57 5.91 -6.15
N GLU A 123 -26.01 5.17 -5.20
CA GLU A 123 -26.82 4.55 -4.16
C GLU A 123 -27.32 5.58 -3.16
N TRP A 124 -26.41 6.34 -2.55
CA TRP A 124 -26.75 7.23 -1.46
C TRP A 124 -26.67 8.71 -1.83
N ASP A 125 -26.62 9.02 -3.12
CA ASP A 125 -26.73 10.40 -3.61
C ASP A 125 -25.68 11.31 -2.97
N LEU A 126 -24.42 11.01 -3.27
CA LEU A 126 -23.30 11.81 -2.76
C LEU A 126 -22.85 12.83 -3.82
N VAL A 127 -23.75 13.75 -4.15
CA VAL A 127 -23.53 14.70 -5.25
C VAL A 127 -23.90 16.10 -4.81
N CYS A 128 -23.01 17.06 -5.11
CA CYS A 128 -23.23 18.50 -5.14
C CYS A 128 -23.56 19.09 -3.77
N SER A 129 -23.78 18.24 -2.77
CA SER A 129 -23.86 18.67 -1.39
C SER A 129 -23.10 17.78 -0.43
N HIS A 130 -22.86 16.52 -0.78
CA HIS A 130 -22.12 15.57 0.03
C HIS A 130 -20.89 15.07 -0.72
N ARG A 131 -20.21 15.97 -1.43
CA ARG A 131 -19.04 15.56 -2.19
C ARG A 131 -17.90 15.10 -1.30
N ALA A 132 -17.91 15.47 -0.03
CA ALA A 132 -16.84 15.08 0.88
C ALA A 132 -16.93 13.64 1.36
N LEU A 133 -18.01 12.93 1.03
CA LEU A 133 -18.22 11.63 1.65
C LEU A 133 -17.39 10.53 0.98
N ARG A 134 -17.16 10.61 -0.33
CA ARG A 134 -16.22 9.67 -0.95
C ARG A 134 -14.84 9.79 -0.32
N GLN A 135 -14.37 11.03 -0.13
CA GLN A 135 -13.08 11.23 0.50
C GLN A 135 -13.08 10.77 1.94
N LEU A 136 -14.20 10.94 2.65
CA LEU A 136 -14.29 10.46 4.02
C LEU A 136 -14.19 8.93 4.07
N ALA A 137 -14.82 8.25 3.12
CA ALA A 137 -14.72 6.79 3.09
C ALA A 137 -13.30 6.34 2.76
N GLN A 138 -12.65 6.98 1.78
CA GLN A 138 -11.30 6.58 1.44
C GLN A 138 -10.30 6.91 2.54
N SER A 139 -10.57 7.94 3.33
CA SER A 139 -9.71 8.23 4.47
C SER A 139 -9.99 7.33 5.66
N LEU A 140 -11.23 6.86 5.83
CA LEU A 140 -11.51 5.93 6.91
C LEU A 140 -10.99 4.54 6.60
N TYR A 141 -10.84 4.20 5.31
CA TYR A 141 -10.17 2.94 5.00
C TYR A 141 -8.69 2.98 5.40
N MET A 142 -8.04 4.13 5.28
CA MET A 142 -6.61 4.24 5.57
C MET A 142 -6.32 4.61 7.02
N VAL A 143 -7.30 5.14 7.75
CA VAL A 143 -7.14 5.27 9.20
C VAL A 143 -7.08 3.89 9.84
N GLY A 144 -7.69 2.89 9.21
CA GLY A 144 -7.64 1.55 9.72
C GLY A 144 -6.58 0.69 9.08
N VAL A 145 -5.48 1.29 8.67
CA VAL A 145 -4.31 0.51 8.24
C VAL A 145 -3.17 0.82 9.22
N LEU A 146 -3.16 2.05 9.73
CA LEU A 146 -2.23 2.41 10.80
C LEU A 146 -2.48 1.55 12.03
N LEU A 147 -3.72 1.56 12.52
CA LEU A 147 -4.08 0.77 13.70
C LEU A 147 -3.85 -0.72 13.44
N GLY A 148 -4.08 -1.18 12.22
CA GLY A 148 -3.81 -2.57 11.91
C GLY A 148 -2.34 -2.92 12.03
N ALA A 149 -1.49 -2.16 11.35
CA ALA A 149 -0.05 -2.40 11.41
C ALA A 149 0.47 -2.31 12.83
N MET A 150 -0.18 -1.53 13.68
CA MET A 150 0.25 -1.47 15.08
C MET A 150 -0.21 -2.69 15.87
N VAL A 151 -1.52 -2.94 15.89
CA VAL A 151 -2.08 -3.98 16.74
C VAL A 151 -1.64 -5.36 16.29
N PHE A 152 -1.83 -5.68 15.01
CA PHE A 152 -1.45 -7.00 14.51
C PHE A 152 0.04 -7.13 14.28
N GLY A 153 0.82 -6.15 14.70
CA GLY A 153 2.26 -6.28 14.71
C GLY A 153 2.73 -6.50 16.13
N TYR A 154 2.00 -5.95 17.09
CA TYR A 154 2.27 -6.25 18.49
C TYR A 154 1.78 -7.63 18.88
N LEU A 155 0.68 -8.09 18.29
CA LEU A 155 0.09 -9.38 18.64
C LEU A 155 0.57 -10.51 17.73
N ALA A 156 1.67 -10.30 17.00
CA ALA A 156 2.23 -11.33 16.13
C ALA A 156 3.42 -12.04 16.75
N ASP A 157 4.33 -11.28 17.38
CA ASP A 157 5.46 -11.85 18.10
C ASP A 157 5.11 -12.20 19.54
N ARG A 158 3.82 -12.34 19.84
CA ARG A 158 3.37 -12.81 21.15
C ARG A 158 2.39 -13.96 21.06
N LEU A 159 1.89 -14.28 19.86
CA LEU A 159 0.92 -15.35 19.68
C LEU A 159 1.38 -16.30 18.58
N GLY A 160 2.15 -15.79 17.63
CA GLY A 160 2.62 -16.61 16.52
C GLY A 160 2.29 -16.02 15.17
N ARG A 161 3.22 -16.14 14.21
CA ARG A 161 2.98 -15.61 12.88
C ARG A 161 1.79 -16.30 12.22
N ARG A 162 1.75 -17.63 12.30
CA ARG A 162 0.66 -18.37 11.65
C ARG A 162 -0.66 -18.14 12.36
N LYS A 163 -0.63 -18.06 13.70
CA LYS A 163 -1.84 -17.83 14.47
C LYS A 163 -2.49 -16.50 14.11
N VAL A 164 -1.69 -15.52 13.68
CA VAL A 164 -2.23 -14.23 13.28
C VAL A 164 -2.61 -14.23 11.80
N LEU A 165 -1.85 -14.93 10.96
CA LEU A 165 -2.24 -15.05 9.57
C LEU A 165 -3.63 -15.67 9.44
N ILE A 166 -3.93 -16.69 10.23
CA ILE A 166 -5.24 -17.33 10.13
C ILE A 166 -6.35 -16.33 10.46
N LEU A 167 -6.22 -15.64 11.59
CA LEU A 167 -7.24 -14.68 12.00
C LEU A 167 -7.39 -13.55 10.99
N ASN A 168 -6.30 -13.13 10.34
CA ASN A 168 -6.42 -12.04 9.39
C ASN A 168 -7.06 -12.50 8.08
N TYR A 169 -6.67 -13.69 7.59
CA TYR A 169 -7.33 -14.25 6.42
C TYR A 169 -8.82 -14.43 6.68
N LEU A 170 -9.21 -14.65 7.93
CA LEU A 170 -10.63 -14.78 8.24
C LEU A 170 -11.33 -13.42 8.32
N GLN A 171 -10.72 -12.46 9.01
CA GLN A 171 -11.35 -11.16 9.21
C GLN A 171 -11.50 -10.40 7.91
N THR A 172 -10.49 -10.45 7.03
CA THR A 172 -10.57 -9.72 5.77
C THR A 172 -11.57 -10.33 4.79
N ALA A 173 -12.30 -11.36 5.20
CA ALA A 173 -13.38 -11.91 4.41
C ALA A 173 -14.69 -11.99 5.16
N VAL A 174 -14.68 -11.90 6.50
CA VAL A 174 -15.92 -11.76 7.25
C VAL A 174 -16.31 -10.30 7.41
N SER A 175 -15.42 -9.36 7.09
CA SER A 175 -15.78 -7.95 7.07
C SER A 175 -15.56 -7.32 5.70
N GLY A 176 -15.35 -8.12 4.66
CA GLY A 176 -15.14 -7.59 3.33
C GLY A 176 -16.21 -8.01 2.35
N THR A 177 -16.96 -9.05 2.70
CA THR A 177 -18.14 -9.44 1.93
C THR A 177 -19.44 -9.09 2.64
N CYS A 178 -19.36 -8.70 3.91
CA CYS A 178 -20.51 -8.15 4.62
C CYS A 178 -20.64 -6.65 4.41
N ALA A 179 -19.72 -6.03 3.69
CA ALA A 179 -19.85 -4.65 3.26
C ALA A 179 -20.47 -4.52 1.89
N ALA A 180 -20.40 -5.57 1.06
CA ALA A 180 -21.07 -5.57 -0.23
C ALA A 180 -22.58 -5.70 -0.10
N PHE A 181 -23.10 -5.89 1.12
CA PHE A 181 -24.53 -6.00 1.36
C PHE A 181 -25.02 -4.93 2.33
N ALA A 182 -24.28 -3.84 2.48
CA ALA A 182 -24.62 -2.83 3.46
C ALA A 182 -25.79 -1.98 2.97
N PRO A 183 -26.75 -1.67 3.83
CA PRO A 183 -27.87 -0.81 3.42
C PRO A 183 -27.67 0.65 3.79
N ASN A 184 -26.63 0.95 4.57
CA ASN A 184 -26.36 2.31 5.04
C ASN A 184 -24.94 2.71 4.69
N PHE A 185 -24.65 4.00 4.85
CA PHE A 185 -23.29 4.47 4.63
C PHE A 185 -22.35 4.19 5.81
N PRO A 186 -22.71 4.50 7.07
CA PRO A 186 -21.77 4.21 8.17
C PRO A 186 -21.39 2.75 8.27
N ILE A 187 -22.30 1.83 7.94
CA ILE A 187 -21.97 0.41 7.95
C ILE A 187 -20.87 0.12 6.93
N TYR A 188 -21.02 0.67 5.71
CA TYR A 188 -19.98 0.50 4.70
C TYR A 188 -18.65 1.06 5.18
N CYS A 189 -18.67 2.25 5.80
CA CYS A 189 -17.43 2.84 6.28
C CYS A 189 -16.76 1.95 7.33
N ALA A 190 -17.53 1.47 8.31
CA ALA A 190 -16.94 0.66 9.38
C ALA A 190 -16.41 -0.66 8.85
N PHE A 191 -17.13 -1.29 7.91
CA PHE A 191 -16.65 -2.57 7.40
C PHE A 191 -15.42 -2.40 6.51
N ARG A 192 -15.33 -1.29 5.78
CA ARG A 192 -14.08 -1.03 5.06
C ARG A 192 -12.94 -0.78 6.02
N LEU A 193 -13.21 -0.10 7.14
CA LEU A 193 -12.18 0.09 8.17
C LEU A 193 -11.66 -1.26 8.65
N LEU A 194 -12.57 -2.18 8.95
CA LEU A 194 -12.13 -3.49 9.45
C LEU A 194 -11.34 -4.26 8.38
N SER A 195 -11.77 -4.18 7.11
CA SER A 195 -11.02 -4.84 6.05
C SER A 195 -9.61 -4.29 5.96
N GLY A 196 -9.45 -2.97 6.06
CA GLY A 196 -8.12 -2.39 6.06
C GLY A 196 -7.31 -2.84 7.26
N MET A 197 -7.96 -2.95 8.43
CA MET A 197 -7.26 -3.38 9.63
C MET A 197 -6.71 -4.80 9.48
N ALA A 198 -7.44 -5.66 8.77
CA ALA A 198 -6.95 -7.02 8.54
C ALA A 198 -5.81 -7.04 7.54
N LEU A 199 -5.96 -6.29 6.44
CA LEU A 199 -4.90 -6.29 5.42
C LEU A 199 -3.60 -5.71 5.96
N ALA A 200 -3.69 -4.73 6.86
CA ALA A 200 -2.48 -4.14 7.43
C ALA A 200 -1.74 -5.08 8.37
N GLY A 201 -2.27 -6.27 8.64
CA GLY A 201 -1.56 -7.25 9.42
C GLY A 201 -1.09 -8.37 8.52
N ILE A 202 -1.91 -8.70 7.52
CA ILE A 202 -1.46 -9.65 6.51
C ILE A 202 -0.16 -9.17 5.87
N SER A 203 -0.09 -7.87 5.56
CA SER A 203 1.07 -7.34 4.83
C SER A 203 2.36 -7.51 5.62
N LEU A 204 2.31 -7.29 6.94
CA LEU A 204 3.51 -7.47 7.75
C LEU A 204 3.84 -8.93 7.93
N ASN A 205 2.85 -9.73 8.38
CA ASN A 205 3.15 -11.10 8.77
C ASN A 205 3.59 -11.94 7.59
N CYS A 206 3.14 -11.61 6.37
CA CYS A 206 3.64 -12.31 5.18
C CYS A 206 5.17 -12.29 5.14
N MET A 207 5.75 -11.09 5.06
CA MET A 207 7.20 -10.98 4.96
C MET A 207 7.88 -11.50 6.22
N THR A 208 7.33 -11.18 7.39
CA THR A 208 7.99 -11.58 8.63
C THR A 208 8.13 -13.10 8.73
N LEU A 209 7.05 -13.83 8.45
CA LEU A 209 7.12 -15.28 8.47
C LEU A 209 7.94 -15.82 7.31
N ASN A 210 7.93 -15.13 6.16
CA ASN A 210 8.53 -15.72 4.97
C ASN A 210 10.05 -15.63 5.00
N VAL A 211 10.60 -14.53 5.52
CA VAL A 211 12.05 -14.36 5.54
C VAL A 211 12.74 -15.14 6.65
N GLU A 212 12.01 -15.84 7.51
CA GLU A 212 12.63 -16.56 8.61
C GLU A 212 12.92 -18.02 8.32
N TRP A 213 12.31 -18.59 7.29
CA TRP A 213 12.64 -19.95 6.89
C TRP A 213 13.63 -20.01 5.72
N MET A 214 13.95 -18.86 5.13
CA MET A 214 14.95 -18.79 4.08
C MET A 214 16.35 -18.64 4.69
N PRO A 215 17.39 -19.02 3.96
CA PRO A 215 18.76 -18.84 4.47
C PRO A 215 19.13 -17.38 4.57
N ILE A 216 20.36 -17.09 4.99
CA ILE A 216 20.78 -15.71 5.18
C ILE A 216 21.25 -15.06 3.88
N HIS A 217 21.74 -15.86 2.93
CA HIS A 217 22.25 -15.31 1.68
C HIS A 217 21.15 -15.08 0.64
N THR A 218 19.91 -15.41 0.96
CA THR A 218 18.79 -15.20 0.04
C THR A 218 17.69 -14.42 0.75
N ARG A 219 18.08 -13.34 1.42
CA ARG A 219 17.14 -12.43 2.05
C ARG A 219 16.80 -11.23 1.17
N ALA A 220 17.59 -10.99 0.11
CA ALA A 220 17.31 -9.91 -0.82
C ALA A 220 16.66 -10.40 -2.12
N CYS A 221 16.62 -11.72 -2.35
CA CYS A 221 15.86 -12.28 -3.45
C CYS A 221 14.40 -12.48 -3.10
N VAL A 222 14.07 -12.53 -1.81
CA VAL A 222 12.69 -12.60 -1.36
C VAL A 222 12.16 -11.22 -0.95
N GLY A 223 13.00 -10.20 -0.96
CA GLY A 223 12.56 -8.85 -0.68
C GLY A 223 12.13 -8.12 -1.93
N THR A 224 12.62 -8.60 -3.08
CA THR A 224 12.20 -8.07 -4.38
C THR A 224 11.22 -9.00 -5.07
N LEU A 225 10.61 -9.92 -4.33
CA LEU A 225 9.50 -10.71 -4.81
C LEU A 225 8.17 -10.27 -4.21
N ILE A 226 8.21 -9.51 -3.11
CA ILE A 226 7.02 -8.92 -2.53
C ILE A 226 6.79 -7.50 -3.07
N GLY A 227 7.51 -7.13 -4.13
CA GLY A 227 7.30 -5.87 -4.80
C GLY A 227 7.23 -6.09 -6.30
N TYR A 228 7.43 -7.35 -6.70
CA TYR A 228 7.27 -7.77 -8.07
C TYR A 228 5.94 -8.48 -8.30
N VAL A 229 5.36 -9.08 -7.26
CA VAL A 229 4.00 -9.60 -7.30
C VAL A 229 3.01 -8.62 -6.67
N TYR A 230 3.51 -7.56 -6.05
CA TYR A 230 2.65 -6.54 -5.48
C TYR A 230 2.08 -5.63 -6.57
N SER A 231 2.88 -5.33 -7.59
CA SER A 231 2.45 -4.49 -8.70
C SER A 231 1.94 -5.32 -9.88
N LEU A 232 1.42 -6.51 -9.61
CA LEU A 232 0.65 -7.26 -10.59
C LEU A 232 -0.81 -7.35 -10.23
N GLY A 233 -1.20 -6.80 -9.07
CA GLY A 233 -2.61 -6.69 -8.74
C GLY A 233 -3.33 -5.65 -9.56
N GLN A 234 -2.60 -4.68 -10.13
CA GLN A 234 -3.23 -3.64 -10.92
C GLN A 234 -3.76 -4.18 -12.24
N PHE A 235 -3.03 -5.10 -12.87
CA PHE A 235 -3.55 -5.76 -14.06
C PHE A 235 -4.81 -6.55 -13.74
N LEU A 236 -4.79 -7.29 -12.63
CA LEU A 236 -5.96 -8.05 -12.21
C LEU A 236 -7.15 -7.14 -11.96
N LEU A 237 -6.91 -5.97 -11.37
CA LEU A 237 -7.99 -5.02 -11.14
C LEU A 237 -8.55 -4.48 -12.44
N ALA A 238 -7.67 -4.08 -13.36
CA ALA A 238 -8.12 -3.55 -14.64
C ALA A 238 -8.90 -4.59 -15.43
N GLY A 239 -8.62 -5.86 -15.21
CA GLY A 239 -9.40 -6.90 -15.86
C GLY A 239 -10.73 -7.16 -15.19
N VAL A 240 -10.69 -7.38 -13.87
CA VAL A 240 -11.90 -7.72 -13.13
C VAL A 240 -12.91 -6.58 -13.20
N ALA A 241 -12.52 -5.39 -12.76
CA ALA A 241 -13.46 -4.28 -12.71
C ALA A 241 -14.04 -3.93 -14.07
N TYR A 242 -13.42 -4.39 -15.15
CA TYR A 242 -14.04 -4.29 -16.47
C TYR A 242 -14.96 -5.45 -16.76
N ALA A 243 -14.68 -6.63 -16.21
CA ALA A 243 -15.58 -7.75 -16.39
C ALA A 243 -16.87 -7.58 -15.59
N VAL A 244 -16.80 -6.97 -14.42
CA VAL A 244 -17.95 -6.83 -13.54
C VAL A 244 -18.12 -5.37 -13.13
N PRO A 245 -19.04 -4.62 -13.76
CA PRO A 245 -19.12 -3.18 -13.49
C PRO A 245 -19.81 -2.82 -12.17
N HIS A 246 -20.84 -3.56 -11.77
CA HIS A 246 -21.59 -3.21 -10.57
C HIS A 246 -20.68 -3.22 -9.34
N TRP A 247 -21.04 -2.44 -8.34
CA TRP A 247 -20.14 -2.26 -7.20
C TRP A 247 -20.31 -3.35 -6.15
N ARG A 248 -21.54 -3.82 -5.92
CA ARG A 248 -21.74 -4.91 -4.96
C ARG A 248 -21.07 -6.19 -5.43
N HIS A 249 -21.33 -6.57 -6.69
CA HIS A 249 -20.70 -7.77 -7.24
C HIS A 249 -19.18 -7.64 -7.25
N LEU A 250 -18.68 -6.44 -7.54
CA LEU A 250 -17.23 -6.25 -7.58
C LEU A 250 -16.62 -6.41 -6.19
N GLN A 251 -17.20 -5.75 -5.20
CA GLN A 251 -16.69 -5.88 -3.83
C GLN A 251 -16.71 -7.34 -3.39
N LEU A 252 -17.81 -8.05 -3.66
CA LEU A 252 -17.91 -9.44 -3.23
C LEU A 252 -16.89 -10.32 -3.95
N LEU A 253 -16.75 -10.15 -5.27
CA LEU A 253 -15.83 -10.98 -6.01
C LEU A 253 -14.38 -10.68 -5.67
N VAL A 254 -14.08 -9.49 -5.17
CA VAL A 254 -12.71 -9.19 -4.78
C VAL A 254 -12.42 -9.62 -3.33
N SER A 255 -13.43 -9.65 -2.47
CA SER A 255 -13.20 -10.04 -1.09
C SER A 255 -13.61 -11.49 -0.78
N ALA A 256 -14.02 -12.25 -1.80
CA ALA A 256 -14.38 -13.64 -1.59
C ALA A 256 -13.20 -14.61 -1.44
N PRO A 257 -12.18 -14.58 -2.31
CA PRO A 257 -11.17 -15.66 -2.29
C PRO A 257 -10.41 -15.80 -0.97
N PHE A 258 -10.58 -14.87 -0.02
CA PHE A 258 -9.89 -15.05 1.24
C PHE A 258 -10.46 -16.21 2.06
N PHE A 259 -11.67 -16.68 1.74
CA PHE A 259 -12.15 -17.92 2.35
C PHE A 259 -11.31 -19.10 1.91
N ALA A 260 -11.02 -19.19 0.61
CA ALA A 260 -10.13 -20.24 0.12
C ALA A 260 -8.73 -20.06 0.68
N PHE A 261 -8.26 -18.82 0.77
CA PHE A 261 -6.94 -18.58 1.36
C PHE A 261 -6.91 -18.88 2.86
N PHE A 262 -8.06 -18.97 3.51
CA PHE A 262 -8.12 -19.27 4.93
C PHE A 262 -8.32 -20.77 5.21
N ILE A 263 -8.97 -21.51 4.31
CA ILE A 263 -9.20 -22.92 4.60
C ILE A 263 -7.89 -23.70 4.65
N TYR A 264 -6.95 -23.38 3.77
CA TYR A 264 -5.66 -24.07 3.76
C TYR A 264 -4.63 -23.39 4.63
N SER A 265 -4.98 -22.33 5.34
CA SER A 265 -4.04 -21.62 6.19
C SER A 265 -3.76 -22.32 7.50
N TRP A 266 -4.18 -23.57 7.65
CA TRP A 266 -3.86 -24.35 8.83
C TRP A 266 -2.66 -25.27 8.63
N PHE A 267 -2.27 -25.51 7.40
CA PHE A 267 -1.16 -26.42 7.08
C PHE A 267 0.20 -25.73 7.10
N PHE A 268 0.25 -24.47 7.52
CA PHE A 268 1.53 -23.77 7.62
C PHE A 268 2.31 -24.25 8.85
N ILE A 269 3.63 -24.18 8.74
CA ILE A 269 4.52 -24.55 9.84
C ILE A 269 5.03 -23.29 10.49
N GLU A 270 4.94 -23.23 11.82
CA GLU A 270 5.39 -22.05 12.55
C GLU A 270 6.90 -21.89 12.43
N SER A 271 7.35 -20.64 12.40
CA SER A 271 8.77 -20.34 12.24
C SER A 271 9.54 -20.78 13.47
N ALA A 272 10.59 -21.59 13.26
CA ALA A 272 11.34 -22.15 14.37
C ALA A 272 12.12 -21.10 15.15
N ARG A 273 12.52 -20.02 14.48
CA ARG A 273 13.31 -19.00 15.16
C ARG A 273 12.49 -18.30 16.25
N TRP A 274 11.18 -18.12 16.03
CA TRP A 274 10.35 -17.53 17.06
C TRP A 274 10.24 -18.45 18.27
N HIS A 275 10.09 -19.75 18.04
CA HIS A 275 10.09 -20.70 19.14
C HIS A 275 11.41 -20.65 19.90
N SER A 276 12.52 -20.55 19.17
CA SER A 276 13.82 -20.47 19.84
C SER A 276 13.93 -19.22 20.69
N SER A 277 13.45 -18.08 20.17
CA SER A 277 13.54 -16.84 20.92
C SER A 277 12.64 -16.87 22.16
N SER A 278 11.45 -17.45 22.03
CA SER A 278 10.52 -17.50 23.17
C SER A 278 11.06 -18.36 24.30
N GLY A 279 11.92 -19.33 23.99
CA GLY A 279 12.58 -20.16 24.99
C GLY A 279 12.35 -21.65 24.80
N ARG A 280 11.16 -22.02 24.35
CA ARG A 280 10.80 -23.43 24.21
C ARG A 280 11.56 -24.03 23.02
N LEU A 281 12.57 -24.85 23.31
CA LEU A 281 13.41 -25.42 22.26
C LEU A 281 12.90 -26.75 21.73
N ASP A 282 12.11 -27.49 22.51
CA ASP A 282 11.60 -28.78 22.04
C ASP A 282 10.69 -28.58 20.83
N LEU A 283 9.90 -27.51 20.82
CA LEU A 283 9.08 -27.20 19.65
C LEU A 283 9.95 -26.91 18.44
N THR A 284 11.08 -26.21 18.66
CA THR A 284 12.02 -25.95 17.56
C THR A 284 12.58 -27.25 17.01
N LEU A 285 12.97 -28.18 17.90
CA LEU A 285 13.48 -29.46 17.46
C LEU A 285 12.43 -30.23 16.66
N ARG A 286 11.18 -30.22 17.13
CA ARG A 286 10.12 -30.91 16.41
C ARG A 286 9.90 -30.30 15.03
N ALA A 287 9.87 -28.97 14.95
CA ALA A 287 9.67 -28.31 13.65
C ALA A 287 10.82 -28.61 12.70
N LEU A 288 12.05 -28.62 13.21
CA LEU A 288 13.19 -28.90 12.36
C LEU A 288 13.18 -30.35 11.87
N GLN A 289 12.80 -31.29 12.75
CA GLN A 289 12.68 -32.68 12.31
C GLN A 289 11.60 -32.84 11.26
N ARG A 290 10.48 -32.13 11.42
CA ARG A 290 9.42 -32.20 10.41
C ARG A 290 9.89 -31.64 9.08
N VAL A 291 10.59 -30.50 9.11
CA VAL A 291 11.10 -29.92 7.87
C VAL A 291 12.09 -30.86 7.22
N ALA A 292 12.91 -31.55 8.02
CA ALA A 292 13.86 -32.51 7.47
C ALA A 292 13.15 -33.68 6.81
N ARG A 293 12.10 -34.18 7.46
CA ARG A 293 11.32 -35.27 6.87
C ARG A 293 10.69 -34.84 5.56
N ILE A 294 10.20 -33.59 5.49
CA ILE A 294 9.60 -33.11 4.26
C ILE A 294 10.64 -32.96 3.16
N ASN A 295 11.83 -32.48 3.51
CA ASN A 295 12.86 -32.26 2.49
C ASN A 295 13.53 -33.54 2.03
N GLY A 296 13.50 -34.59 2.84
CA GLY A 296 14.09 -35.85 2.45
C GLY A 296 15.50 -36.04 2.96
N LYS A 297 15.74 -35.63 4.21
CA LYS A 297 17.04 -35.72 4.86
C LYS A 297 16.88 -36.28 6.26
N ARG A 298 16.14 -37.40 6.35
CA ARG A 298 15.82 -37.99 7.65
C ARG A 298 17.06 -38.34 8.45
N GLU A 299 18.17 -38.69 7.78
CA GLU A 299 19.37 -39.09 8.50
C GLU A 299 19.94 -37.95 9.33
N GLU A 300 20.07 -36.75 8.73
CA GLU A 300 20.53 -35.61 9.50
C GLU A 300 19.45 -35.06 10.42
N GLY A 301 18.17 -35.35 10.12
CA GLY A 301 17.12 -34.94 11.04
C GLY A 301 17.18 -35.70 12.34
N ALA A 302 17.27 -37.03 12.27
CA ALA A 302 17.42 -37.83 13.48
C ALA A 302 18.78 -37.60 14.14
N LYS A 303 19.78 -37.21 13.36
CA LYS A 303 21.08 -36.86 13.93
C LYS A 303 20.96 -35.65 14.85
N LEU A 304 20.00 -34.77 14.59
CA LEU A 304 19.75 -33.64 15.47
C LEU A 304 19.22 -34.13 16.82
N SER A 305 19.71 -33.52 17.89
CA SER A 305 19.30 -33.85 19.24
C SER A 305 19.06 -32.57 20.01
N MET A 306 18.74 -32.70 21.30
CA MET A 306 18.53 -31.54 22.14
C MET A 306 19.85 -30.88 22.53
N GLU A 307 20.86 -31.69 22.84
CA GLU A 307 22.17 -31.15 23.20
C GLU A 307 22.81 -30.43 22.02
N VAL A 308 22.61 -30.95 20.81
CA VAL A 308 23.17 -30.32 19.61
C VAL A 308 22.65 -28.89 19.48
N LEU A 309 21.32 -28.72 19.59
CA LEU A 309 20.74 -27.39 19.46
C LEU A 309 21.11 -26.52 20.65
N ARG A 310 21.15 -27.10 21.85
CA ARG A 310 21.53 -26.33 23.03
C ARG A 310 22.97 -25.81 22.93
N ALA A 311 23.84 -26.53 22.20
CA ALA A 311 25.23 -26.15 22.05
C ALA A 311 25.50 -25.38 20.77
N SER A 312 24.53 -25.28 19.86
CA SER A 312 24.73 -24.55 18.62
C SER A 312 23.98 -23.23 18.57
N LEU A 313 23.01 -23.02 19.46
CA LEU A 313 22.25 -21.77 19.50
C LEU A 313 22.29 -21.15 20.89
N GLN A 314 23.36 -21.41 21.64
CA GLN A 314 23.47 -20.92 23.01
C GLN A 314 23.75 -19.43 23.10
N LYS A 315 24.09 -18.78 21.98
CA LYS A 315 24.31 -17.34 22.00
C LYS A 315 23.01 -16.56 22.14
N GLU A 316 21.86 -17.21 22.02
CA GLU A 316 20.57 -16.54 22.17
C GLU A 316 19.61 -17.39 23.00
N ALA A 324 17.53 -0.27 22.37
CA ALA A 324 16.59 -0.54 21.29
C ALA A 324 15.23 0.07 21.59
N SER A 325 15.17 0.92 22.60
CA SER A 325 13.92 1.57 22.96
C SER A 325 13.51 2.59 21.91
N ALA A 326 12.22 2.64 21.62
CA ALA A 326 11.70 3.57 20.62
C ALA A 326 11.80 5.03 21.06
N MET A 327 12.12 5.29 22.32
CA MET A 327 12.27 6.65 22.81
C MET A 327 13.71 7.15 22.72
N GLU A 328 14.68 6.27 22.50
CA GLU A 328 16.07 6.71 22.36
C GLU A 328 16.29 7.52 21.10
N LEU A 329 15.35 7.48 20.14
CA LEU A 329 15.41 8.42 19.03
C LEU A 329 15.30 9.85 19.51
N LEU A 330 14.59 10.07 20.60
CA LEU A 330 14.58 11.37 21.28
C LEU A 330 15.77 11.43 22.25
N ARG A 331 15.93 12.58 22.90
CA ARG A 331 17.00 12.89 23.84
C ARG A 331 18.36 12.43 23.32
N CYS A 332 18.55 12.47 22.00
CA CYS A 332 19.81 12.14 21.36
C CYS A 332 19.87 12.85 20.00
N PRO A 333 20.62 13.95 19.91
CA PRO A 333 20.55 14.79 18.70
C PRO A 333 20.98 14.07 17.43
N THR A 334 22.03 13.25 17.50
CA THR A 334 22.54 12.61 16.30
C THR A 334 21.51 11.67 15.68
N LEU A 335 20.57 11.16 16.47
CA LEU A 335 19.51 10.29 15.95
C LEU A 335 18.25 11.05 15.59
N ARG A 336 17.88 12.07 16.36
CA ARG A 336 16.68 12.85 16.03
C ARG A 336 16.87 13.64 14.74
N HIS A 337 18.06 14.24 14.57
CA HIS A 337 18.34 14.98 13.34
C HIS A 337 18.31 14.07 12.12
N LEU A 338 18.62 12.79 12.30
CA LEU A 338 18.56 11.85 11.18
C LEU A 338 17.16 11.29 11.00
N PHE A 339 16.37 11.24 12.07
CA PHE A 339 15.02 10.70 11.99
C PHE A 339 14.06 11.68 11.33
N LEU A 340 14.23 12.98 11.59
CA LEU A 340 13.28 13.96 11.06
C LEU A 340 13.31 13.98 9.54
N CYS A 341 14.50 13.99 8.94
CA CYS A 341 14.61 14.06 7.49
C CYS A 341 14.02 12.82 6.82
N LEU A 342 14.30 11.64 7.38
CA LEU A 342 13.79 10.42 6.80
C LEU A 342 12.27 10.34 6.94
N SER A 343 11.73 10.79 8.07
CA SER A 343 10.28 10.85 8.22
C SER A 343 9.67 11.78 7.18
N MET A 344 10.30 12.93 6.95
CA MET A 344 9.77 13.87 5.95
C MET A 344 9.78 13.26 4.56
N LEU A 345 10.86 12.54 4.21
CA LEU A 345 10.93 11.92 2.89
C LEU A 345 9.86 10.85 2.72
N TRP A 346 9.71 9.98 3.72
CA TRP A 346 8.67 8.96 3.69
C TRP A 346 7.30 9.60 3.48
N PHE A 347 6.97 10.59 4.32
CA PHE A 347 5.67 11.23 4.28
C PHE A 347 5.42 11.87 2.91
N ALA A 348 6.39 12.61 2.39
CA ALA A 348 6.18 13.28 1.12
C ALA A 348 5.96 12.29 -0.01
N THR A 349 6.77 11.23 -0.06
CA THR A 349 6.61 10.25 -1.13
C THR A 349 5.24 9.59 -1.07
N SER A 350 4.82 9.14 0.12
CA SER A 350 3.53 8.47 0.22
C SER A 350 2.38 9.42 -0.08
N PHE A 351 2.48 10.66 0.39
CA PHE A 351 1.44 11.66 0.15
C PHE A 351 1.26 11.90 -1.34
N ALA A 352 2.34 12.21 -2.05
CA ALA A 352 2.23 12.45 -3.49
C ALA A 352 1.72 11.21 -4.21
N TYR A 353 2.19 10.01 -3.81
CA TYR A 353 1.79 8.80 -4.52
C TYR A 353 0.30 8.54 -4.38
N TYR A 354 -0.22 8.50 -3.16
CA TYR A 354 -1.64 8.26 -2.97
C TYR A 354 -2.49 9.50 -3.15
N GLY A 355 -1.90 10.60 -3.62
CA GLY A 355 -2.70 11.69 -4.15
C GLY A 355 -2.80 11.64 -5.66
N LEU A 356 -1.81 11.04 -6.31
CA LEU A 356 -1.82 10.97 -7.76
C LEU A 356 -2.55 9.75 -8.30
N VAL A 357 -2.45 8.60 -7.61
CA VAL A 357 -2.95 7.36 -8.19
C VAL A 357 -4.47 7.30 -8.21
N MET A 358 -5.15 8.11 -7.41
CA MET A 358 -6.59 8.20 -7.47
C MET A 358 -6.98 9.14 -8.62
N ASP A 359 -8.25 9.56 -8.63
CA ASP A 359 -8.83 10.47 -9.61
C ASP A 359 -8.34 10.19 -11.03
N LEU A 360 -8.60 8.96 -11.48
CA LEU A 360 -8.30 8.59 -12.86
C LEU A 360 -9.27 9.20 -13.86
N GLN A 361 -10.24 9.99 -13.42
CA GLN A 361 -11.16 10.65 -14.31
C GLN A 361 -10.68 12.06 -14.61
N GLY A 362 -10.79 12.45 -15.87
CA GLY A 362 -10.35 13.75 -16.32
C GLY A 362 -9.14 13.76 -17.24
N PHE A 363 -8.77 12.61 -17.81
CA PHE A 363 -7.67 12.53 -18.76
C PHE A 363 -8.14 12.26 -20.17
N GLY A 364 -9.46 12.28 -20.41
CA GLY A 364 -10.01 12.04 -21.73
C GLY A 364 -10.02 10.60 -22.17
N VAL A 365 -9.39 9.69 -21.43
CA VAL A 365 -9.34 8.29 -21.80
C VAL A 365 -10.02 7.48 -20.69
N SER A 366 -10.59 6.34 -21.09
CA SER A 366 -11.31 5.49 -20.15
C SER A 366 -10.38 4.97 -19.06
N ILE A 367 -10.95 4.72 -17.88
CA ILE A 367 -10.15 4.30 -16.74
C ILE A 367 -9.59 2.90 -16.96
N TYR A 368 -10.31 2.05 -17.69
CA TYR A 368 -9.82 0.70 -17.96
C TYR A 368 -8.55 0.68 -18.79
N LEU A 369 -8.18 1.81 -19.39
CA LEU A 369 -6.93 1.92 -20.12
C LEU A 369 -5.88 2.73 -19.37
N ILE A 370 -6.30 3.61 -18.46
CA ILE A 370 -5.34 4.35 -17.65
C ILE A 370 -4.79 3.49 -16.53
N GLN A 371 -5.59 2.55 -16.01
CA GLN A 371 -5.08 1.68 -14.95
C GLN A 371 -3.98 0.75 -15.47
N VAL A 372 -4.14 0.25 -16.70
CA VAL A 372 -3.21 -0.73 -17.25
C VAL A 372 -1.99 -0.02 -17.80
N ILE A 373 -1.92 1.30 -17.61
CA ILE A 373 -0.76 2.07 -18.00
C ILE A 373 -0.08 2.62 -16.75
N PHE A 374 -0.87 2.89 -15.71
CA PHE A 374 -0.30 3.22 -14.42
C PHE A 374 0.31 2.00 -13.74
N GLY A 375 -0.13 0.80 -14.12
CA GLY A 375 0.44 -0.41 -13.58
C GLY A 375 1.44 -1.12 -14.45
N ALA A 376 1.72 -0.60 -15.65
CA ALA A 376 2.68 -1.20 -16.56
C ALA A 376 3.92 -0.35 -16.75
N VAL A 377 4.02 0.79 -16.07
CA VAL A 377 5.19 1.65 -16.16
C VAL A 377 6.10 1.46 -14.95
N ASP A 378 5.84 0.43 -14.14
CA ASP A 378 6.63 0.19 -12.94
C ASP A 378 7.86 -0.68 -13.19
N LEU A 379 7.99 -1.26 -14.38
CA LEU A 379 9.17 -2.04 -14.71
C LEU A 379 10.34 -1.12 -15.06
N PRO A 380 10.17 -0.13 -15.96
CA PRO A 380 11.29 0.79 -16.21
C PRO A 380 11.65 1.62 -15.00
N ALA A 381 10.67 2.01 -14.19
CA ALA A 381 10.92 2.81 -13.00
C ALA A 381 11.76 2.07 -11.96
N LYS A 382 11.90 0.75 -12.09
CA LYS A 382 12.79 -0.04 -11.24
C LYS A 382 14.09 -0.42 -11.96
N LEU A 383 14.01 -0.70 -13.26
CA LEU A 383 15.24 -0.99 -14.00
C LEU A 383 16.14 0.23 -14.09
N VAL A 384 15.59 1.43 -14.00
CA VAL A 384 16.41 2.64 -13.96
C VAL A 384 16.79 3.01 -12.53
N GLY A 385 15.94 2.67 -11.56
CA GLY A 385 16.31 2.90 -10.17
C GLY A 385 17.45 2.02 -9.72
N PHE A 386 17.52 0.79 -10.24
CA PHE A 386 18.63 -0.11 -9.95
C PHE A 386 19.81 0.11 -10.88
N LEU A 387 19.80 1.18 -11.67
CA LEU A 387 20.91 1.52 -12.56
C LEU A 387 21.46 2.91 -12.30
N VAL A 388 20.71 3.77 -11.62
CA VAL A 388 21.19 5.12 -11.31
C VAL A 388 21.73 5.23 -9.89
N ILE A 389 21.20 4.45 -8.93
CA ILE A 389 21.67 4.56 -7.55
C ILE A 389 23.10 4.04 -7.43
N ASN A 390 23.40 2.93 -8.13
CA ASN A 390 24.72 2.32 -8.05
C ASN A 390 25.76 3.08 -8.86
N SER A 391 25.35 3.90 -9.82
CA SER A 391 26.30 4.62 -10.65
C SER A 391 26.64 6.00 -10.12
N LEU A 392 25.72 6.65 -9.41
CA LEU A 392 25.96 7.97 -8.85
C LEU A 392 25.92 7.97 -7.33
N GLY A 393 24.90 7.39 -6.74
CA GLY A 393 24.77 7.38 -5.29
C GLY A 393 23.30 7.28 -4.91
N ARG A 394 23.04 7.53 -3.63
CA ARG A 394 21.67 7.57 -3.13
C ARG A 394 21.09 8.98 -3.09
N ARG A 395 21.87 9.95 -2.61
CA ARG A 395 21.39 11.32 -2.59
C ARG A 395 21.03 11.86 -3.97
N PRO A 396 21.88 11.76 -5.00
CA PRO A 396 21.49 12.33 -6.30
C PRO A 396 20.27 11.65 -6.89
N ALA A 397 20.20 10.32 -6.84
CA ALA A 397 19.04 9.61 -7.41
C ALA A 397 17.77 9.96 -6.67
N GLN A 398 17.82 9.96 -5.33
CA GLN A 398 16.64 10.31 -4.55
C GLN A 398 16.16 11.71 -4.85
N MET A 399 17.07 12.69 -4.82
CA MET A 399 16.69 14.08 -5.05
C MET A 399 16.15 14.27 -6.47
N ALA A 400 16.80 13.66 -7.46
CA ALA A 400 16.35 13.79 -8.84
C ALA A 400 14.95 13.21 -9.01
N ALA A 401 14.72 12.00 -8.50
CA ALA A 401 13.41 11.38 -8.62
C ALA A 401 12.33 12.24 -7.96
N LEU A 402 12.59 12.68 -6.73
CA LEU A 402 11.58 13.45 -6.01
C LEU A 402 11.28 14.77 -6.70
N LEU A 403 12.30 15.50 -7.13
CA LEU A 403 12.07 16.80 -7.74
C LEU A 403 11.40 16.66 -9.11
N LEU A 404 11.80 15.65 -9.90
CA LEU A 404 11.18 15.46 -11.20
C LEU A 404 9.71 15.07 -11.05
N ALA A 405 9.40 14.19 -10.08
CA ALA A 405 8.01 13.85 -9.84
C ALA A 405 7.21 15.07 -9.39
N GLY A 406 7.79 15.89 -8.51
CA GLY A 406 7.11 17.10 -8.10
C GLY A 406 6.80 18.04 -9.24
N ILE A 407 7.77 18.23 -10.14
CA ILE A 407 7.55 19.12 -11.28
C ILE A 407 6.51 18.56 -12.22
N CYS A 408 6.58 17.25 -12.52
CA CYS A 408 5.61 16.65 -13.42
C CYS A 408 4.20 16.69 -12.85
N ILE A 409 4.07 16.62 -11.53
CA ILE A 409 2.75 16.73 -10.90
C ILE A 409 2.27 18.17 -10.96
N LEU A 410 3.14 19.12 -10.61
CA LEU A 410 2.75 20.52 -10.57
C LEU A 410 2.40 21.07 -11.95
N LEU A 411 2.98 20.49 -13.01
CA LEU A 411 2.75 21.02 -14.34
C LEU A 411 1.36 20.70 -14.88
N ASN A 412 0.66 19.71 -14.32
CA ASN A 412 -0.67 19.37 -14.81
C ASN A 412 -1.73 20.38 -14.38
N GLY A 413 -1.48 21.15 -13.32
CA GLY A 413 -2.46 22.12 -12.86
C GLY A 413 -2.35 23.45 -13.57
N VAL A 414 -1.70 23.46 -14.73
CA VAL A 414 -1.54 24.67 -15.52
C VAL A 414 -2.10 24.46 -16.91
N ILE A 415 -1.67 23.39 -17.57
CA ILE A 415 -2.20 23.07 -18.90
C ILE A 415 -3.71 22.85 -18.80
N PRO A 416 -4.53 23.51 -19.63
CA PRO A 416 -5.97 23.31 -19.55
C PRO A 416 -6.37 21.89 -19.90
N GLN A 417 -7.58 21.52 -19.47
CA GLN A 417 -8.08 20.16 -19.67
C GLN A 417 -8.35 19.84 -21.13
N ASP A 418 -8.13 20.76 -22.06
CA ASP A 418 -8.35 20.48 -23.47
C ASP A 418 -7.36 19.43 -23.97
N GLN A 419 -6.09 19.56 -23.60
CA GLN A 419 -5.09 18.61 -24.03
C GLN A 419 -5.30 17.26 -23.35
N SER A 420 -5.18 16.18 -24.14
CA SER A 420 -5.39 14.84 -23.63
C SER A 420 -4.31 13.84 -24.02
N ILE A 421 -3.31 14.25 -24.81
CA ILE A 421 -2.23 13.36 -25.19
C ILE A 421 -0.98 13.73 -24.40
N VAL A 422 -0.83 15.02 -24.10
CA VAL A 422 0.30 15.52 -23.36
C VAL A 422 -0.04 15.72 -21.88
N ARG A 423 -1.23 15.33 -21.45
CA ARG A 423 -1.62 15.49 -20.06
C ARG A 423 -1.57 14.19 -19.27
N THR A 424 -1.53 13.04 -19.95
CA THR A 424 -1.37 11.77 -19.26
C THR A 424 0.09 11.31 -19.20
N SER A 425 0.93 11.79 -20.12
CA SER A 425 2.34 11.44 -20.09
C SER A 425 3.02 11.99 -18.84
N LEU A 426 2.67 13.23 -18.46
CA LEU A 426 3.21 13.78 -17.22
C LEU A 426 2.76 12.97 -16.01
N ALA A 427 1.52 12.47 -16.04
CA ALA A 427 1.03 11.65 -14.94
C ALA A 427 1.80 10.34 -14.83
N VAL A 428 1.99 9.64 -15.96
CA VAL A 428 2.70 8.37 -15.90
C VAL A 428 4.15 8.59 -15.52
N LEU A 429 4.75 9.71 -15.95
CA LEU A 429 6.13 9.99 -15.56
C LEU A 429 6.24 10.25 -14.07
N GLY A 430 5.31 11.03 -13.51
CA GLY A 430 5.32 11.25 -12.07
C GLY A 430 5.12 9.97 -11.29
N LYS A 431 4.26 9.08 -11.78
CA LYS A 431 4.03 7.82 -11.08
C LYS A 431 5.28 6.95 -11.11
N GLY A 432 5.94 6.84 -12.27
CA GLY A 432 7.19 6.10 -12.33
C GLY A 432 8.25 6.66 -11.41
N CYS A 433 8.39 7.99 -11.40
CA CYS A 433 9.38 8.61 -10.53
C CYS A 433 9.07 8.36 -9.06
N LEU A 434 7.79 8.33 -8.70
CA LEU A 434 7.45 8.09 -7.30
C LEU A 434 7.71 6.63 -6.91
N ALA A 435 7.47 5.69 -7.82
CA ALA A 435 7.82 4.31 -7.53
C ALA A 435 9.33 4.16 -7.34
N ALA A 436 10.12 4.81 -8.20
CA ALA A 436 11.56 4.80 -8.03
C ALA A 436 11.96 5.43 -6.69
N SER A 437 11.25 6.47 -6.27
CA SER A 437 11.55 7.09 -4.98
C SER A 437 11.31 6.13 -3.84
N PHE A 438 10.19 5.38 -3.88
CA PHE A 438 9.98 4.31 -2.90
C PHE A 438 11.16 3.35 -2.86
N ASN A 439 11.50 2.79 -4.02
CA ASN A 439 12.52 1.75 -4.06
C ASN A 439 13.89 2.26 -3.65
N CYS A 440 14.15 3.56 -3.77
CA CYS A 440 15.43 4.09 -3.32
C CYS A 440 15.42 4.43 -1.84
N ILE A 441 14.33 5.01 -1.34
CA ILE A 441 14.31 5.41 0.06
C ILE A 441 14.30 4.17 0.96
N PHE A 442 13.72 3.07 0.49
CA PHE A 442 13.73 1.85 1.31
C PHE A 442 15.16 1.39 1.59
N LEU A 443 15.99 1.34 0.56
CA LEU A 443 17.38 0.94 0.75
C LEU A 443 18.16 1.98 1.53
N TYR A 444 17.90 3.27 1.27
CA TYR A 444 18.69 4.31 1.91
C TYR A 444 18.46 4.35 3.41
N THR A 445 17.20 4.27 3.84
CA THR A 445 16.90 4.27 5.26
C THR A 445 17.57 3.10 5.97
N GLY A 446 17.58 1.93 5.32
CA GLY A 446 18.25 0.78 5.90
C GLY A 446 19.74 0.98 6.04
N GLU A 447 20.40 1.37 4.94
CA GLU A 447 21.85 1.54 4.98
C GLU A 447 22.28 2.69 5.87
N LEU A 448 21.38 3.60 6.22
CA LEU A 448 21.79 4.80 6.94
C LEU A 448 21.88 4.58 8.45
N TYR A 449 20.87 3.94 9.04
CA TYR A 449 20.82 3.78 10.50
C TYR A 449 21.92 2.85 11.00
N PRO A 450 22.19 2.85 12.31
CA PRO A 450 23.12 1.87 12.87
C PRO A 450 22.56 0.46 12.82
N THR A 451 23.27 -0.52 13.40
CA THR A 451 22.85 -1.90 13.28
C THR A 451 21.96 -2.39 14.43
N MET A 452 21.96 -1.70 15.57
CA MET A 452 21.11 -2.14 16.68
C MET A 452 19.72 -1.52 16.65
N ILE A 453 19.59 -0.28 16.16
CA ILE A 453 18.32 0.41 16.13
C ILE A 453 17.68 0.36 14.75
N ARG A 454 18.29 -0.37 13.81
CA ARG A 454 17.79 -0.45 12.45
C ARG A 454 16.44 -1.15 12.35
N GLN A 455 16.11 -2.00 13.32
CA GLN A 455 14.84 -2.72 13.24
C GLN A 455 13.66 -1.83 13.61
N THR A 456 13.84 -0.99 14.62
CA THR A 456 12.79 -0.05 15.02
C THR A 456 12.95 1.31 14.36
N GLY A 457 13.95 1.49 13.51
CA GLY A 457 14.04 2.70 12.73
C GLY A 457 13.21 2.62 11.46
N MET A 458 13.31 1.50 10.75
CA MET A 458 12.51 1.32 9.55
C MET A 458 11.03 1.22 9.88
N GLY A 459 10.69 0.76 11.08
CA GLY A 459 9.29 0.74 11.48
C GLY A 459 8.72 2.14 11.64
N MET A 460 9.42 2.99 12.39
CA MET A 460 8.98 4.38 12.53
C MET A 460 9.10 5.15 11.23
N GLY A 461 9.91 4.68 10.29
CA GLY A 461 9.97 5.30 8.99
C GLY A 461 8.83 4.90 8.07
N SER A 462 8.36 3.66 8.19
CA SER A 462 7.22 3.23 7.39
C SER A 462 5.90 3.69 7.98
N THR A 463 5.85 3.88 9.30
CA THR A 463 4.64 4.43 9.92
C THR A 463 4.33 5.82 9.39
N MET A 464 5.36 6.63 9.12
CA MET A 464 5.14 7.96 8.56
C MET A 464 4.84 7.91 7.07
N ALA A 465 4.80 6.73 6.45
CA ALA A 465 4.33 6.58 5.08
C ALA A 465 2.87 6.21 5.02
N ARG A 466 2.16 6.25 6.15
CA ARG A 466 0.73 6.01 6.21
C ARG A 466 -0.05 7.20 6.75
N VAL A 467 0.56 8.03 7.59
CA VAL A 467 -0.04 9.34 7.87
C VAL A 467 -0.15 10.14 6.58
N GLY A 468 0.80 9.95 5.66
CA GLY A 468 0.69 10.57 4.36
C GLY A 468 -0.54 10.09 3.60
N SER A 469 -0.78 8.79 3.61
CA SER A 469 -1.94 8.25 2.90
C SER A 469 -3.25 8.59 3.59
N ILE A 470 -3.21 8.89 4.90
CA ILE A 470 -4.41 9.36 5.58
C ILE A 470 -4.70 10.80 5.20
N VAL A 471 -3.68 11.66 5.18
CA VAL A 471 -3.88 13.08 4.92
C VAL A 471 -3.94 13.38 3.41
N SER A 472 -3.70 12.40 2.56
CA SER A 472 -3.76 12.65 1.12
C SER A 472 -5.18 12.90 0.62
N PRO A 473 -6.18 12.07 0.94
CA PRO A 473 -7.53 12.35 0.43
C PRO A 473 -8.24 13.49 1.14
N LEU A 474 -7.86 13.81 2.38
CA LEU A 474 -8.45 14.96 3.05
C LEU A 474 -8.15 16.25 2.30
N VAL A 475 -6.98 16.34 1.67
CA VAL A 475 -6.62 17.55 0.93
C VAL A 475 -7.47 17.69 -0.33
N SER A 476 -7.81 16.56 -0.96
CA SER A 476 -8.61 16.61 -2.19
C SER A 476 -10.04 17.10 -1.94
N MET A 477 -10.43 17.31 -0.69
CA MET A 477 -11.75 17.87 -0.42
C MET A 477 -11.84 19.32 -0.85
N THR A 478 -10.74 20.06 -0.74
CA THR A 478 -10.73 21.49 -1.03
C THR A 478 -10.84 21.81 -2.51
N ALA A 479 -11.07 20.83 -3.39
CA ALA A 479 -11.26 21.13 -4.80
C ALA A 479 -12.50 21.96 -5.06
N GLU A 480 -13.37 22.14 -4.07
CA GLU A 480 -14.52 23.02 -4.24
C GLU A 480 -14.12 24.48 -4.22
N LEU A 481 -13.09 24.83 -3.44
CA LEU A 481 -12.64 26.21 -3.37
C LEU A 481 -11.90 26.63 -4.64
N TYR A 482 -11.37 25.69 -5.40
CA TYR A 482 -10.68 25.97 -6.65
C TYR A 482 -10.50 24.67 -7.42
N PRO A 483 -10.69 24.67 -8.74
CA PRO A 483 -10.60 23.43 -9.52
C PRO A 483 -9.19 22.87 -9.65
N SER A 484 -8.17 23.55 -9.11
CA SER A 484 -6.80 23.07 -9.27
C SER A 484 -5.95 23.20 -8.00
N MET A 485 -6.52 23.61 -6.87
CA MET A 485 -5.73 23.70 -5.66
C MET A 485 -5.20 22.36 -5.17
N PRO A 486 -5.96 21.26 -5.18
CA PRO A 486 -5.35 19.97 -4.83
C PRO A 486 -4.15 19.61 -5.69
N LEU A 487 -4.23 19.83 -7.00
CA LEU A 487 -3.11 19.50 -7.87
C LEU A 487 -1.90 20.37 -7.57
N PHE A 488 -2.13 21.57 -7.06
CA PHE A 488 -1.00 22.43 -6.69
C PHE A 488 -0.41 21.99 -5.35
N ILE A 489 -1.25 21.48 -4.44
CA ILE A 489 -0.72 21.00 -3.17
C ILE A 489 0.08 19.73 -3.37
N TYR A 490 -0.38 18.83 -4.24
CA TYR A 490 0.34 17.59 -4.49
C TYR A 490 1.66 17.83 -5.21
N GLY A 491 1.86 19.00 -5.81
CA GLY A 491 3.07 19.27 -6.56
C GLY A 491 4.14 20.00 -5.78
N ALA A 492 3.77 20.68 -4.71
CA ALA A 492 4.70 21.50 -3.95
C ALA A 492 5.36 20.76 -2.80
N VAL A 493 4.73 19.72 -2.27
CA VAL A 493 5.28 18.99 -1.13
C VAL A 493 6.47 18.14 -1.56
N PRO A 494 6.41 17.37 -2.64
CA PRO A 494 7.63 16.66 -3.07
C PRO A 494 8.75 17.60 -3.47
N VAL A 495 8.45 18.76 -4.03
CA VAL A 495 9.52 19.70 -4.38
C VAL A 495 10.14 20.29 -3.12
N ALA A 496 9.32 20.65 -2.13
CA ALA A 496 9.86 21.14 -0.87
C ALA A 496 10.59 20.05 -0.10
N ALA A 497 10.31 18.78 -0.38
CA ALA A 497 11.02 17.68 0.26
C ALA A 497 12.31 17.31 -0.46
N SER A 498 12.39 17.57 -1.76
CA SER A 498 13.60 17.28 -2.52
C SER A 498 14.76 18.20 -2.16
N ALA A 499 14.57 19.11 -1.22
CA ALA A 499 15.64 19.96 -0.71
C ALA A 499 16.10 19.54 0.68
N VAL A 500 15.63 18.40 1.17
CA VAL A 500 16.03 17.93 2.49
C VAL A 500 17.24 17.00 2.40
N THR A 501 17.41 16.31 1.27
CA THR A 501 18.52 15.38 1.12
C THR A 501 19.88 16.06 1.07
N VAL A 502 19.96 17.38 1.23
CA VAL A 502 21.23 18.07 1.24
C VAL A 502 21.73 18.18 2.68
N LEU A 503 21.10 17.43 3.58
CA LEU A 503 21.49 17.39 4.98
C LEU A 503 21.86 15.99 5.46
N LEU A 504 21.87 15.00 4.57
CA LEU A 504 22.12 13.62 4.97
C LEU A 504 23.45 13.13 4.41
N PRO A 505 24.19 12.32 5.18
CA PRO A 505 25.47 11.81 4.68
C PRO A 505 25.28 10.77 3.59
N GLU A 506 26.18 10.80 2.61
CA GLU A 506 26.19 9.80 1.55
C GLU A 506 26.76 8.48 2.08
N THR A 507 26.18 7.37 1.64
CA THR A 507 26.54 6.05 2.15
C THR A 507 26.71 5.05 1.02
N LEU A 508 27.31 5.46 -0.09
CA LEU A 508 27.64 4.54 -1.17
C LEU A 508 29.07 4.04 -0.99
N GLY A 509 29.24 2.73 -1.02
CA GLY A 509 30.55 2.13 -0.87
C GLY A 509 31.18 2.43 0.48
N GLN A 510 30.52 2.02 1.54
CA GLN A 510 30.99 2.27 2.90
C GLN A 510 30.53 1.12 3.78
N PRO A 511 31.18 0.90 4.92
CA PRO A 511 30.68 -0.09 5.87
C PRO A 511 29.52 0.44 6.68
N LEU A 512 28.57 -0.43 6.96
CA LEU A 512 27.39 -0.04 7.71
C LEU A 512 27.79 0.43 9.10
N PRO A 513 27.33 1.59 9.56
CA PRO A 513 27.78 2.10 10.86
C PRO A 513 27.35 1.20 12.00
N ASP A 514 28.29 0.91 12.90
CA ASP A 514 28.01 -0.03 13.99
C ASP A 514 27.16 0.62 15.07
N THR A 515 27.69 1.63 15.74
CA THR A 515 27.00 2.28 16.85
C THR A 515 26.86 3.78 16.57
N VAL A 516 26.22 4.48 17.52
CA VAL A 516 26.05 5.92 17.38
C VAL A 516 27.38 6.64 17.52
N GLN A 517 28.36 6.02 18.18
CA GLN A 517 29.64 6.68 18.38
C GLN A 517 30.42 6.79 17.07
N ASP A 518 30.58 5.68 16.37
CA ASP A 518 31.36 5.67 15.14
C ASP A 518 30.58 6.21 13.93
N LEU A 519 29.31 6.57 14.11
CA LEU A 519 28.53 7.17 13.04
C LEU A 519 28.92 8.64 12.95
N GLU A 520 29.85 8.95 12.06
CA GLU A 520 30.31 10.33 11.88
C GLU A 520 30.22 10.81 10.45
N SER A 521 30.49 9.94 9.48
CA SER A 521 30.45 10.32 8.07
C SER A 521 30.39 9.09 7.18
P L8P B . 7.72 -1.68 -6.41
N1 L8P B . 4.47 0.39 -3.08
C2 L8P B . 3.56 0.35 -1.92
O2 L8P B . 2.39 0.56 -2.06
N3 L8P B . 4.08 0.06 -0.56
C4 L8P B . 5.50 -0.18 -0.37
N4 L8P B . 6.01 -0.46 0.96
C5 L8P B . 6.42 -0.15 -1.52
C6 L8P B . 5.90 0.14 -2.89
C1' L8P B . 3.94 0.67 -4.41
C2' L8P B . 4.14 -0.51 -5.35
C3' L8P B . 3.23 -0.42 -6.58
O3' L8P B . 3.56 0.74 -7.29
C4' L8P B . 5.87 -1.65 -6.45
O4' L8P B . 5.46 -0.49 -5.80
OP1 L8P B . 8.19 -2.78 -5.49
OP2 L8P B . 8.23 -0.35 -5.90
O6 L8P B . 8.26 -1.93 -7.80
#